data_6OI1
#
_entry.id   6OI1
#
_cell.length_a   81.068
_cell.length_b   86.216
_cell.length_c   40.762
_cell.angle_alpha   90.00
_cell.angle_beta   90.00
_cell.angle_gamma   90.00
#
_symmetry.space_group_name_H-M   'P 21 21 2'
#
loop_
_entity.id
_entity.type
_entity.pdbx_description
1 polymer 'WD repeat-containing protein 5'
2 non-polymer 'SULFATE ION'
3 non-polymer GLYCEROL
4 non-polymer '(2S)-2-amino-5-[(N-methylcarbamimidoyl)amino]pentanoic acid'
5 water water
#
_entity_poly.entity_id   1
_entity_poly.type   'polypeptide(L)'
_entity_poly.pdbx_seq_one_letter_code
;SATQSKPTPVKPNYALKFTLAGHTKAVSSVKFSPNGEWLASSSADKLIKIWGAYDGKFEKTISGHKLGISDVAWSSDSNL
LVSASDDKTLKIWDVSSGKCLKTLKGHSNYVFCCNFNPQSNLIVSGSFDESVRIWDVKTGKCLKTLPAHSDPVSAVHFNR
DGSLIVSSSYDGLCRIWDTASGQCLKTLIDDDNPPVSFVKFSPNGKYILAATLDNTLKLWDYSKGKCLKTYTGHKNEKYC
IFANFSVTGGKWIVSGSEDNLVYIWNLQTKEIVQKLQGHTDVVISTACHPTENIIASAALENDKTIKLWKSDC
;
_entity_poly.pdbx_strand_id   A
#
loop_
_chem_comp.id
_chem_comp.type
_chem_comp.name
_chem_comp.formula
GOL non-polymer GLYCEROL 'C3 H8 O3'
SO4 non-polymer 'SULFATE ION' 'O4 S -2'
#
# COMPACT_ATOMS: atom_id res chain seq x y z
N VAL A 10 26.42 -7.07 -4.51
CA VAL A 10 25.01 -7.32 -4.91
C VAL A 10 24.29 -6.02 -5.21
N LYS A 11 24.00 -5.77 -6.49
CA LYS A 11 22.91 -4.90 -6.92
C LYS A 11 21.92 -5.80 -7.65
N PRO A 12 20.61 -5.45 -7.65
CA PRO A 12 19.68 -6.24 -8.43
C PRO A 12 19.73 -5.84 -9.90
N ASN A 13 19.13 -6.65 -10.77
CA ASN A 13 19.05 -6.34 -12.19
C ASN A 13 17.63 -6.50 -12.71
N TYR A 14 16.70 -5.77 -12.06
CA TYR A 14 15.32 -5.70 -12.51
C TYR A 14 15.25 -5.21 -13.94
N ALA A 15 14.54 -5.98 -14.77
CA ALA A 15 14.34 -5.63 -16.17
C ALA A 15 12.87 -5.84 -16.49
N LEU A 16 12.35 -4.96 -17.35
CA LEU A 16 10.94 -4.98 -17.72
C LEU A 16 10.59 -6.26 -18.46
N LYS A 17 9.54 -6.95 -18.00
CA LYS A 17 9.06 -8.14 -18.69
C LYS A 17 7.70 -7.97 -19.32
N PHE A 18 6.77 -7.35 -18.60
CA PHE A 18 5.43 -7.15 -19.10
C PHE A 18 4.90 -5.77 -18.76
N THR A 19 4.13 -5.22 -19.70
CA THR A 19 3.34 -4.00 -19.50
C THR A 19 1.86 -4.36 -19.64
N LEU A 20 1.10 -4.03 -18.61
CA LEU A 20 -0.31 -4.41 -18.46
C LEU A 20 -1.20 -3.20 -18.64
N ALA A 21 -1.93 -3.14 -19.77
CA ALA A 21 -2.78 -1.98 -20.07
C ALA A 21 -4.22 -2.44 -19.98
N GLY A 22 -5.08 -1.54 -19.51
CA GLY A 22 -6.49 -1.84 -19.39
C GLY A 22 -7.31 -0.88 -18.57
N HIS A 23 -6.73 -0.33 -17.50
CA HIS A 23 -7.40 0.75 -16.78
C HIS A 23 -7.50 1.99 -17.67
N THR A 24 -8.58 2.73 -17.56
CA THR A 24 -8.85 3.91 -18.38
C THR A 24 -8.67 5.23 -17.65
N LYS A 25 -8.29 5.15 -16.38
CA LYS A 25 -7.89 6.30 -15.57
C LYS A 25 -6.68 5.89 -14.74
N ALA A 26 -6.12 6.85 -14.01
CA ALA A 26 -4.97 6.61 -13.10
C ALA A 26 -5.10 5.30 -12.34
N VAL A 27 -4.02 4.55 -12.26
CA VAL A 27 -4.00 3.38 -11.36
C VAL A 27 -3.70 3.97 -9.98
N SER A 28 -4.22 3.33 -8.94
CA SER A 28 -3.99 3.78 -7.56
C SER A 28 -3.14 2.83 -6.73
N SER A 29 -3.32 1.52 -6.90
CA SER A 29 -2.64 0.57 -6.03
C SER A 29 -2.54 -0.75 -6.73
N VAL A 30 -1.37 -1.37 -6.63
CA VAL A 30 -1.16 -2.76 -7.03
C VAL A 30 -0.66 -3.61 -5.87
N LYS A 31 -1.13 -4.85 -5.81
CA LYS A 31 -0.77 -5.77 -4.74
C LYS A 31 -0.73 -7.18 -5.26
N PHE A 32 0.31 -7.91 -4.89
CA PHE A 32 0.41 -9.33 -5.17
C PHE A 32 -0.39 -10.14 -4.15
N SER A 33 -1.04 -11.22 -4.61
CA SER A 33 -1.72 -12.14 -3.70
C SER A 33 -0.68 -12.85 -2.86
N PRO A 34 -1.01 -13.14 -1.58
CA PRO A 34 -0.07 -13.84 -0.72
C PRO A 34 0.43 -15.15 -1.29
N ASN A 35 -0.41 -15.83 -2.06
CA ASN A 35 0.01 -17.11 -2.68
C ASN A 35 0.88 -16.91 -3.92
N GLY A 36 1.12 -15.65 -4.34
CA GLY A 36 2.03 -15.35 -5.43
C GLY A 36 1.45 -15.51 -6.83
N GLU A 37 0.20 -15.94 -6.96
CA GLU A 37 -0.37 -16.23 -8.27
C GLU A 37 -0.85 -15.00 -9.04
N TRP A 38 -1.30 -13.98 -8.30
CA TRP A 38 -2.05 -12.87 -8.91
C TRP A 38 -1.55 -11.52 -8.50
N LEU A 39 -1.81 -10.54 -9.38
CA LEU A 39 -1.71 -9.13 -9.07
C LEU A 39 -3.08 -8.50 -9.15
N ALA A 40 -3.47 -7.77 -8.10
CA ALA A 40 -4.68 -6.99 -8.12
C ALA A 40 -4.32 -5.53 -8.29
N SER A 41 -5.09 -4.84 -9.10
CA SER A 41 -4.93 -3.40 -9.34
C SER A 41 -6.24 -2.69 -9.10
N SER A 42 -6.17 -1.51 -8.49
CA SER A 42 -7.32 -0.62 -8.36
C SER A 42 -7.04 0.68 -9.10
N SER A 43 -8.10 1.38 -9.46
CA SER A 43 -7.96 2.60 -10.25
C SER A 43 -9.02 3.64 -9.98
N ALA A 44 -8.71 4.87 -10.38
CA ALA A 44 -9.68 5.96 -10.44
C ALA A 44 -10.86 5.66 -11.37
N ASP A 45 -10.70 4.67 -12.26
CA ASP A 45 -11.78 4.23 -13.17
C ASP A 45 -12.91 3.42 -12.52
N LYS A 46 -12.83 3.27 -11.19
CA LYS A 46 -13.79 2.61 -10.33
C LYS A 46 -13.66 1.08 -10.37
N LEU A 47 -12.61 0.57 -11.02
CA LEU A 47 -12.48 -0.88 -11.23
C LEU A 47 -11.31 -1.50 -10.51
N ILE A 48 -11.47 -2.78 -10.20
CA ILE A 48 -10.38 -3.65 -9.77
C ILE A 48 -10.11 -4.57 -10.94
N LYS A 49 -8.84 -4.73 -11.29
CA LYS A 49 -8.45 -5.77 -12.25
C LYS A 49 -7.50 -6.78 -11.64
N ILE A 50 -7.59 -8.00 -12.13
CA ILE A 50 -6.78 -9.14 -11.68
C ILE A 50 -5.93 -9.61 -12.85
N TRP A 51 -4.64 -9.81 -12.60
CA TRP A 51 -3.66 -10.21 -13.64
C TRP A 51 -2.80 -11.36 -13.12
N GLY A 52 -2.29 -12.21 -14.02
CA GLY A 52 -1.33 -13.23 -13.62
C GLY A 52 -0.03 -12.58 -13.14
N ALA A 53 0.47 -13.01 -11.98
CA ALA A 53 1.65 -12.40 -11.35
C ALA A 53 2.93 -12.62 -12.14
N TYR A 54 2.99 -13.75 -12.83
CA TYR A 54 4.19 -14.16 -13.52
C TYR A 54 4.18 -13.82 -15.00
N ASP A 55 3.02 -13.84 -15.65
CA ASP A 55 2.94 -13.61 -17.09
C ASP A 55 2.19 -12.31 -17.44
N GLY A 56 1.65 -11.61 -16.44
CA GLY A 56 0.89 -10.37 -16.69
C GLY A 56 -0.41 -10.58 -17.45
N LYS A 57 -0.86 -11.83 -17.60
CA LYS A 57 -2.04 -12.14 -18.41
C LYS A 57 -3.28 -11.61 -17.70
N PHE A 58 -4.03 -10.73 -18.37
CA PHE A 58 -5.29 -10.22 -17.82
C PHE A 58 -6.23 -11.36 -17.45
N GLU A 59 -6.78 -11.31 -16.25
CA GLU A 59 -7.65 -12.36 -15.73
C GLU A 59 -9.12 -11.94 -15.69
N LYS A 60 -9.45 -10.85 -14.97
CA LYS A 60 -10.83 -10.36 -14.91
C LYS A 60 -10.93 -8.96 -14.35
N THR A 61 -12.11 -8.37 -14.51
CA THR A 61 -12.43 -7.08 -13.93
C THR A 61 -13.47 -7.33 -12.83
N ILE A 62 -13.31 -6.66 -11.69
CA ILE A 62 -14.29 -6.66 -10.60
C ILE A 62 -14.79 -5.22 -10.45
N SER A 63 -16.11 -5.04 -10.52
CA SER A 63 -16.74 -3.72 -10.58
C SER A 63 -17.82 -3.59 -9.51
N GLY A 64 -18.17 -2.35 -9.16
CA GLY A 64 -19.24 -2.09 -8.16
C GLY A 64 -19.15 -0.78 -7.40
N HIS A 65 -17.94 -0.28 -7.14
CA HIS A 65 -17.79 1.02 -6.54
C HIS A 65 -18.35 2.13 -7.44
N LYS A 66 -18.88 3.16 -6.81
CA LYS A 66 -19.54 4.26 -7.50
C LYS A 66 -18.60 5.41 -7.83
N LEU A 67 -17.44 5.45 -7.17
CA LEU A 67 -16.38 6.42 -7.49
C LEU A 67 -15.02 5.73 -7.47
N GLY A 68 -13.96 6.46 -7.79
CA GLY A 68 -12.63 5.88 -7.87
C GLY A 68 -12.17 5.17 -6.61
N ILE A 69 -11.26 4.22 -6.80
CA ILE A 69 -10.72 3.41 -5.71
C ILE A 69 -9.28 3.88 -5.44
N SER A 70 -8.94 4.10 -4.17
CA SER A 70 -7.57 4.50 -3.77
C SER A 70 -6.66 3.34 -3.32
N ASP A 71 -7.24 2.20 -2.96
CA ASP A 71 -6.43 1.10 -2.42
C ASP A 71 -7.19 -0.21 -2.51
N VAL A 72 -6.43 -1.30 -2.49
CA VAL A 72 -6.95 -2.64 -2.52
C VAL A 72 -6.00 -3.52 -1.72
N ALA A 73 -6.52 -4.59 -1.13
CA ALA A 73 -5.67 -5.51 -0.32
C ALA A 73 -6.28 -6.89 -0.31
N TRP A 74 -5.40 -7.88 -0.21
CA TRP A 74 -5.76 -9.28 -0.20
C TRP A 74 -5.90 -9.87 1.20
N SER A 75 -6.81 -10.82 1.34
CA SER A 75 -6.81 -11.70 2.50
C SER A 75 -5.62 -12.67 2.45
N SER A 76 -5.28 -13.17 3.63
CA SER A 76 -4.15 -14.10 3.80
C SER A 76 -4.21 -15.37 2.97
N ASP A 77 -5.42 -15.85 2.73
CA ASP A 77 -5.62 -17.06 1.93
C ASP A 77 -5.77 -16.78 0.43
N SER A 78 -5.59 -15.51 0.02
CA SER A 78 -5.67 -15.11 -1.39
C SER A 78 -7.08 -15.24 -2.01
N ASN A 79 -8.12 -15.44 -1.21
CA ASN A 79 -9.48 -15.59 -1.75
C ASN A 79 -10.28 -14.30 -1.79
N LEU A 80 -9.99 -13.36 -0.88
CA LEU A 80 -10.73 -12.09 -0.83
C LEU A 80 -9.88 -10.90 -1.12
N LEU A 81 -10.54 -9.85 -1.63
CA LEU A 81 -9.97 -8.51 -1.66
C LEU A 81 -10.85 -7.59 -0.86
N VAL A 82 -10.21 -6.56 -0.32
CA VAL A 82 -10.91 -5.38 0.15
C VAL A 82 -10.44 -4.15 -0.62
N SER A 83 -11.38 -3.26 -0.92
CA SER A 83 -11.10 -2.04 -1.66
C SER A 83 -11.59 -0.83 -0.89
N ALA A 84 -10.90 0.31 -1.05
CA ALA A 84 -11.19 1.57 -0.37
C ALA A 84 -11.49 2.65 -1.41
N SER A 85 -12.68 3.24 -1.35
CA SER A 85 -13.19 4.10 -2.42
C SER A 85 -13.55 5.53 -1.99
N ASP A 86 -13.50 6.41 -2.97
CA ASP A 86 -14.04 7.78 -2.84
C ASP A 86 -15.55 7.83 -2.57
N ASP A 87 -16.25 6.74 -2.85
CA ASP A 87 -17.67 6.62 -2.52
C ASP A 87 -17.96 6.44 -1.02
N LYS A 88 -16.93 6.57 -0.17
CA LYS A 88 -17.00 6.50 1.30
C LYS A 88 -17.20 5.09 1.88
N THR A 89 -17.11 4.09 1.02
CA THR A 89 -17.23 2.68 1.41
C THR A 89 -15.95 1.92 1.16
N LEU A 90 -15.82 0.82 1.88
CA LEU A 90 -15.00 -0.32 1.46
C LEU A 90 -15.91 -1.47 1.00
N LYS A 91 -15.43 -2.21 0.02
CA LYS A 91 -16.10 -3.43 -0.38
C LYS A 91 -15.20 -4.63 -0.15
N ILE A 92 -15.81 -5.72 0.32
CA ILE A 92 -15.15 -7.04 0.40
C ILE A 92 -15.60 -7.95 -0.76
N TRP A 93 -14.63 -8.47 -1.49
CA TRP A 93 -14.89 -9.17 -2.77
C TRP A 93 -14.43 -10.61 -2.66
N ASP A 94 -15.26 -11.55 -3.12
CA ASP A 94 -14.78 -12.91 -3.40
C ASP A 94 -14.16 -12.90 -4.79
N VAL A 95 -12.84 -13.04 -4.88
CA VAL A 95 -12.15 -12.82 -6.14
C VAL A 95 -12.56 -13.81 -7.23
N SER A 96 -12.66 -15.10 -6.86
CA SER A 96 -12.99 -16.11 -7.83
C SER A 96 -14.38 -15.95 -8.47
N SER A 97 -15.39 -15.68 -7.64
CA SER A 97 -16.75 -15.48 -8.15
C SER A 97 -17.00 -14.05 -8.66
N GLY A 98 -16.19 -13.10 -8.21
CA GLY A 98 -16.46 -11.69 -8.48
C GLY A 98 -17.49 -11.02 -7.58
N LYS A 99 -18.08 -11.75 -6.64
CA LYS A 99 -19.15 -11.23 -5.79
C LYS A 99 -18.66 -10.16 -4.80
N CYS A 100 -19.47 -9.13 -4.61
CA CYS A 100 -19.29 -8.22 -3.48
C CYS A 100 -19.96 -8.85 -2.28
N LEU A 101 -19.16 -9.28 -1.30
CA LEU A 101 -19.70 -9.96 -0.12
C LEU A 101 -20.22 -9.03 0.95
N LYS A 102 -19.59 -7.86 1.09
CA LYS A 102 -20.00 -6.83 2.06
C LYS A 102 -19.61 -5.49 1.54
N THR A 103 -20.40 -4.49 1.94
CA THR A 103 -20.08 -3.10 1.74
C THR A 103 -19.96 -2.52 3.14
N LEU A 104 -18.78 -1.99 3.46
CA LEU A 104 -18.46 -1.48 4.79
C LEU A 104 -18.75 0.02 4.79
N LYS A 105 -19.78 0.41 5.52
CA LYS A 105 -20.30 1.78 5.54
C LYS A 105 -20.09 2.37 6.93
N GLY A 106 -19.72 3.64 6.99
CA GLY A 106 -19.38 4.26 8.27
C GLY A 106 -18.53 5.49 8.14
N HIS A 107 -17.55 5.45 7.25
CA HIS A 107 -16.72 6.59 6.99
C HIS A 107 -17.57 7.71 6.40
N SER A 108 -17.22 8.93 6.75
CA SER A 108 -17.97 10.11 6.29
C SER A 108 -17.26 10.86 5.18
N ASN A 109 -16.16 10.31 4.66
CA ASN A 109 -15.44 10.92 3.55
C ASN A 109 -14.67 9.82 2.84
N TYR A 110 -13.90 10.20 1.82
CA TYR A 110 -13.15 9.25 0.98
C TYR A 110 -12.43 8.25 1.86
N VAL A 111 -12.54 6.98 1.52
CA VAL A 111 -11.74 5.96 2.17
C VAL A 111 -10.50 5.76 1.31
N PHE A 112 -9.34 5.93 1.94
CA PHE A 112 -8.09 6.03 1.22
C PHE A 112 -7.21 4.77 1.22
N CYS A 113 -7.24 4.04 2.31
CA CYS A 113 -6.28 2.96 2.54
C CYS A 113 -6.94 1.83 3.29
N CYS A 114 -6.44 0.61 3.07
CA CYS A 114 -6.99 -0.55 3.72
C CYS A 114 -6.08 -1.76 3.75
N ASN A 115 -6.37 -2.64 4.70
CA ASN A 115 -5.62 -3.89 4.86
C ASN A 115 -6.37 -4.89 5.69
N PHE A 116 -6.18 -6.16 5.38
CA PHE A 116 -6.56 -7.25 6.27
C PHE A 116 -5.48 -7.46 7.31
N ASN A 117 -5.87 -7.97 8.46
CA ASN A 117 -4.90 -8.52 9.42
C ASN A 117 -4.45 -9.91 8.96
N PRO A 118 -3.34 -10.41 9.48
CA PRO A 118 -2.86 -11.75 9.05
C PRO A 118 -3.87 -12.88 9.18
N GLN A 119 -4.63 -12.88 10.26
CA GLN A 119 -5.73 -13.82 10.43
C GLN A 119 -6.85 -13.59 9.41
N SER A 120 -6.98 -12.33 8.95
CA SER A 120 -7.96 -11.89 7.95
C SER A 120 -9.42 -12.01 8.44
N ASN A 121 -9.62 -11.94 9.76
CA ASN A 121 -10.93 -11.75 10.32
C ASN A 121 -11.22 -10.27 10.52
N LEU A 122 -10.19 -9.43 10.43
CA LEU A 122 -10.37 -7.97 10.54
C LEU A 122 -9.87 -7.24 9.31
N ILE A 123 -10.45 -6.06 9.08
CA ILE A 123 -9.96 -5.14 8.08
C ILE A 123 -9.74 -3.83 8.82
N VAL A 124 -8.64 -3.17 8.52
CA VAL A 124 -8.41 -1.77 8.94
C VAL A 124 -8.52 -0.83 7.74
N SER A 125 -9.09 0.34 7.99
CA SER A 125 -9.26 1.40 6.99
C SER A 125 -8.87 2.74 7.54
N GLY A 126 -8.49 3.63 6.64
CA GLY A 126 -8.22 5.01 6.94
C GLY A 126 -8.87 5.89 5.91
N SER A 127 -9.26 7.09 6.35
CA SER A 127 -10.13 7.91 5.55
C SER A 127 -9.76 9.37 5.64
N PHE A 128 -10.24 10.11 4.65
CA PHE A 128 -10.16 11.57 4.68
C PHE A 128 -10.96 12.17 5.84
N ASP A 129 -11.88 11.39 6.43
CA ASP A 129 -12.60 11.79 7.65
C ASP A 129 -11.72 11.82 8.90
N GLU A 130 -10.43 11.50 8.76
CA GLU A 130 -9.37 11.61 9.80
C GLU A 130 -9.39 10.44 10.79
N SER A 131 -10.27 9.45 10.54
CA SER A 131 -10.39 8.29 11.41
C SER A 131 -9.75 7.06 10.82
N VAL A 132 -9.47 6.15 11.75
CA VAL A 132 -9.13 4.78 11.43
C VAL A 132 -10.29 3.94 11.91
N ARG A 133 -10.75 3.01 11.08
CA ARG A 133 -11.83 2.12 11.49
C ARG A 133 -11.36 0.68 11.41
N ILE A 134 -11.81 -0.11 12.37
CA ILE A 134 -11.51 -1.56 12.41
C ILE A 134 -12.82 -2.31 12.18
N TRP A 135 -12.83 -3.25 11.23
CA TRP A 135 -14.08 -3.91 10.78
C TRP A 135 -14.01 -5.41 10.96
N ASP A 136 -15.16 -6.01 11.22
CA ASP A 136 -15.32 -7.45 11.27
C ASP A 136 -15.59 -7.94 9.84
N VAL A 137 -14.75 -8.84 9.37
CA VAL A 137 -14.85 -9.31 7.98
C VAL A 137 -16.16 -10.09 7.75
N LYS A 138 -16.52 -10.93 8.70
CA LYS A 138 -17.66 -11.83 8.55
C LYS A 138 -19.00 -11.13 8.51
N THR A 139 -19.18 -10.13 9.37
CA THR A 139 -20.46 -9.39 9.49
C THR A 139 -20.45 -8.05 8.75
N GLY A 140 -19.27 -7.52 8.44
CA GLY A 140 -19.18 -6.19 7.87
C GLY A 140 -19.37 -5.05 8.86
N LYS A 141 -19.47 -5.34 10.15
CA LYS A 141 -19.73 -4.29 11.14
C LYS A 141 -18.44 -3.61 11.55
N CYS A 142 -18.53 -2.31 11.78
CA CYS A 142 -17.43 -1.52 12.30
C CYS A 142 -17.31 -1.83 13.79
N LEU A 143 -16.12 -2.28 14.20
CA LEU A 143 -15.92 -2.69 15.57
C LEU A 143 -15.43 -1.51 16.39
N LYS A 144 -14.50 -0.74 15.84
CA LYS A 144 -13.94 0.43 16.52
C LYS A 144 -13.78 1.57 15.52
N THR A 145 -14.04 2.78 15.97
CA THR A 145 -13.64 4.01 15.24
C THR A 145 -12.61 4.74 16.11
N LEU A 146 -11.39 4.86 15.61
CA LEU A 146 -10.28 5.49 16.34
C LEU A 146 -10.19 6.95 15.90
N PRO A 147 -10.06 7.89 16.86
CA PRO A 147 -9.93 9.34 16.52
C PRO A 147 -8.48 9.58 16.20
N ALA A 148 -8.04 9.05 15.07
CA ALA A 148 -6.62 8.75 14.90
C ALA A 148 -5.74 9.94 14.60
N HIS A 149 -6.29 10.88 13.82
CA HIS A 149 -5.51 11.95 13.25
C HIS A 149 -6.32 13.20 13.12
N SER A 150 -5.66 14.29 12.75
CA SER A 150 -6.33 15.61 12.57
C SER A 150 -6.22 16.10 11.14
N ASP A 151 -5.99 15.15 10.25
CA ASP A 151 -5.97 15.35 8.80
C ASP A 151 -6.15 13.99 8.16
N PRO A 152 -6.33 13.96 6.82
CA PRO A 152 -6.59 12.68 6.20
C PRO A 152 -5.56 11.61 6.54
N VAL A 153 -6.06 10.39 6.62
CA VAL A 153 -5.23 9.21 6.90
C VAL A 153 -4.76 8.61 5.58
N SER A 154 -3.44 8.60 5.37
CA SER A 154 -2.85 8.17 4.10
C SER A 154 -2.56 6.65 4.05
N ALA A 155 -2.35 6.03 5.19
CA ALA A 155 -2.00 4.55 5.17
C ALA A 155 -2.35 3.88 6.49
N VAL A 156 -2.64 2.58 6.45
CA VAL A 156 -2.91 1.79 7.63
C VAL A 156 -2.38 0.37 7.34
N HIS A 157 -1.77 -0.26 8.33
CA HIS A 157 -1.15 -1.58 8.13
C HIS A 157 -1.14 -2.34 9.42
N PHE A 158 -1.31 -3.66 9.35
CA PHE A 158 -1.20 -4.50 10.53
C PHE A 158 0.21 -5.07 10.60
N ASN A 159 0.70 -5.27 11.80
CA ASN A 159 1.93 -6.02 11.99
C ASN A 159 1.74 -7.53 11.84
N ARG A 160 2.84 -8.24 11.97
CA ARG A 160 2.92 -9.66 11.60
C ARG A 160 1.97 -10.55 12.37
N ASP A 161 1.66 -10.21 13.62
CA ASP A 161 0.69 -10.99 14.42
C ASP A 161 -0.68 -10.33 14.59
N GLY A 162 -0.89 -9.20 13.91
CA GLY A 162 -2.14 -8.48 13.93
C GLY A 162 -2.48 -7.73 15.22
N SER A 163 -1.55 -7.69 16.18
CA SER A 163 -1.80 -7.09 17.47
C SER A 163 -1.62 -5.58 17.41
N LEU A 164 -0.93 -5.08 16.39
CA LEU A 164 -0.72 -3.64 16.18
C LEU A 164 -1.22 -3.15 14.83
N ILE A 165 -1.59 -1.88 14.80
CA ILE A 165 -1.91 -1.18 13.59
C ILE A 165 -1.01 0.06 13.58
N VAL A 166 -0.43 0.37 12.43
CA VAL A 166 0.27 1.64 12.20
C VAL A 166 -0.56 2.49 11.23
N SER A 167 -0.72 3.77 11.56
CA SER A 167 -1.39 4.74 10.67
C SER A 167 -0.47 5.90 10.39
N SER A 168 -0.67 6.54 9.23
CA SER A 168 0.06 7.75 8.86
C SER A 168 -0.93 8.76 8.40
N SER A 169 -0.56 10.03 8.49
CA SER A 169 -1.47 11.07 8.10
C SER A 169 -0.77 12.36 7.62
N TYR A 170 -1.53 13.11 6.85
CA TYR A 170 -1.14 14.47 6.46
C TYR A 170 -0.89 15.41 7.66
N ASP A 171 -1.41 15.07 8.84
CA ASP A 171 -1.08 15.79 10.08
C ASP A 171 0.39 15.68 10.53
N GLY A 172 1.17 14.81 9.90
CA GLY A 172 2.62 14.71 10.15
C GLY A 172 3.00 13.62 11.12
N LEU A 173 2.01 12.83 11.53
CA LEU A 173 2.19 11.81 12.56
C LEU A 173 2.10 10.41 11.99
N CYS A 174 2.88 9.52 12.57
CA CYS A 174 2.67 8.06 12.51
C CYS A 174 2.24 7.63 13.89
N ARG A 175 1.12 6.91 13.97
CA ARG A 175 0.67 6.36 15.25
C ARG A 175 0.60 4.85 15.23
N ILE A 176 0.85 4.26 16.39
CA ILE A 176 0.83 2.82 16.59
C ILE A 176 -0.35 2.57 17.52
N TRP A 177 -1.24 1.67 17.12
CA TRP A 177 -2.47 1.36 17.86
C TRP A 177 -2.51 -0.10 18.29
N ASP A 178 -3.06 -0.36 19.48
CA ASP A 178 -3.38 -1.71 19.94
C ASP A 178 -4.71 -2.15 19.31
N THR A 179 -4.65 -3.17 18.47
CA THR A 179 -5.82 -3.68 17.75
C THR A 179 -6.97 -4.02 18.71
N ALA A 180 -6.66 -4.74 19.78
CA ALA A 180 -7.66 -5.23 20.73
C ALA A 180 -8.39 -4.12 21.47
N SER A 181 -7.66 -3.13 21.99
CA SER A 181 -8.24 -2.06 22.81
C SER A 181 -8.60 -0.79 22.07
N GLY A 182 -7.97 -0.59 20.90
CA GLY A 182 -8.09 0.68 20.18
C GLY A 182 -7.21 1.81 20.72
N GLN A 183 -6.40 1.51 21.73
CA GLN A 183 -5.57 2.52 22.39
C GLN A 183 -4.38 2.89 21.52
N CYS A 184 -4.11 4.20 21.45
CA CYS A 184 -2.89 4.73 20.86
C CYS A 184 -1.68 4.45 21.74
N LEU A 185 -0.72 3.67 21.24
CA LEU A 185 0.43 3.26 22.03
C LEU A 185 1.63 4.15 21.80
N LYS A 186 1.80 4.68 20.58
CA LYS A 186 2.95 5.53 20.23
C LYS A 186 2.52 6.59 19.25
N THR A 187 3.12 7.76 19.37
CA THR A 187 3.07 8.79 18.34
C THR A 187 4.52 9.10 17.96
N LEU A 188 4.87 8.90 16.68
CA LEU A 188 6.20 9.27 16.16
C LEU A 188 6.23 10.67 15.64
N ILE A 189 7.21 11.44 16.10
CA ILE A 189 7.33 12.87 15.85
C ILE A 189 8.70 13.10 15.23
N ASP A 190 8.74 13.79 14.10
CA ASP A 190 10.01 14.26 13.51
C ASP A 190 9.85 15.69 12.95
N ASP A 191 10.97 16.38 12.83
CA ASP A 191 10.98 17.85 12.88
C ASP A 191 10.31 18.46 11.66
N ASP A 192 9.67 19.59 11.88
CA ASP A 192 8.85 20.28 10.88
C ASP A 192 7.56 19.55 10.44
N ASN A 193 7.34 18.30 10.89
CA ASN A 193 6.04 17.59 10.75
C ASN A 193 5.51 17.51 9.33
N PRO A 194 6.38 17.19 8.36
CA PRO A 194 5.88 17.12 6.98
C PRO A 194 4.81 16.03 6.85
N PRO A 195 3.82 16.24 5.98
CA PRO A 195 2.76 15.22 5.80
C PRO A 195 3.35 13.82 5.59
N VAL A 196 2.81 12.84 6.29
CA VAL A 196 3.24 11.44 6.11
C VAL A 196 2.27 10.82 5.10
N SER A 197 2.83 10.43 3.95
CA SER A 197 2.05 10.02 2.80
C SER A 197 1.90 8.49 2.66
N PHE A 198 2.70 7.78 3.42
CA PHE A 198 2.65 6.32 3.43
C PHE A 198 3.35 5.77 4.68
N VAL A 199 2.91 4.59 5.14
CA VAL A 199 3.62 3.86 6.18
C VAL A 199 3.26 2.38 6.11
N LYS A 200 4.20 1.55 6.50
CA LYS A 200 3.94 0.12 6.75
C LYS A 200 5.00 -0.47 7.68
N PHE A 201 4.66 -1.59 8.29
CA PHE A 201 5.61 -2.39 9.04
C PHE A 201 6.56 -3.17 8.13
N SER A 202 7.75 -3.47 8.67
CA SER A 202 8.68 -4.40 8.03
C SER A 202 8.07 -5.80 8.11
N PRO A 203 8.53 -6.74 7.27
CA PRO A 203 7.97 -8.10 7.31
C PRO A 203 8.07 -8.77 8.68
N ASN A 204 9.16 -8.50 9.38
CA ASN A 204 9.38 -9.00 10.74
C ASN A 204 8.62 -8.23 11.82
N GLY A 205 8.10 -7.04 11.51
CA GLY A 205 7.32 -6.25 12.45
C GLY A 205 8.11 -5.41 13.44
N LYS A 206 9.43 -5.36 13.29
CA LYS A 206 10.31 -4.63 14.21
C LYS A 206 10.36 -3.14 13.86
N TYR A 207 10.15 -2.81 12.59
CA TYR A 207 10.33 -1.44 12.11
C TYR A 207 9.13 -1.00 11.33
N ILE A 208 9.02 0.32 11.15
CA ILE A 208 8.13 0.86 10.15
C ILE A 208 8.91 1.71 9.15
N LEU A 209 8.44 1.67 7.91
CA LEU A 209 8.97 2.49 6.86
C LEU A 209 7.93 3.58 6.59
N ALA A 210 8.32 4.85 6.68
CA ALA A 210 7.40 5.97 6.48
C ALA A 210 7.89 6.89 5.38
N ALA A 211 6.97 7.27 4.50
CA ALA A 211 7.25 8.29 3.48
C ALA A 211 6.66 9.60 3.91
N THR A 212 7.42 10.68 3.68
CA THR A 212 6.96 12.02 3.93
C THR A 212 7.09 12.85 2.67
N LEU A 213 6.27 13.91 2.56
CA LEU A 213 6.21 14.69 1.33
C LEU A 213 7.30 15.74 1.26
N ASP A 214 8.50 15.35 1.68
CA ASP A 214 9.72 16.14 1.53
C ASP A 214 10.77 15.26 0.88
N ASN A 215 10.33 14.43 -0.05
CA ASN A 215 11.20 13.57 -0.82
C ASN A 215 12.03 12.63 0.06
N THR A 216 11.42 12.13 1.13
CA THR A 216 12.14 11.27 2.07
C THR A 216 11.36 10.05 2.52
N LEU A 217 12.07 8.91 2.56
CA LEU A 217 11.64 7.70 3.27
C LEU A 217 12.52 7.51 4.49
N LYS A 218 11.89 7.11 5.58
CA LYS A 218 12.61 6.79 6.82
C LYS A 218 12.21 5.45 7.41
N LEU A 219 13.22 4.75 7.92
CA LEU A 219 13.02 3.51 8.67
C LEU A 219 13.13 3.80 10.17
N TRP A 220 12.03 3.57 10.89
CA TRP A 220 11.95 3.83 12.31
C TRP A 220 11.94 2.56 13.15
N ASP A 221 12.67 2.59 14.26
CA ASP A 221 12.36 1.75 15.41
C ASP A 221 11.24 2.51 16.12
N TYR A 222 10.01 1.96 16.07
CA TYR A 222 8.83 2.71 16.56
C TYR A 222 8.66 2.64 18.10
N SER A 223 9.14 1.54 18.71
CA SER A 223 9.14 1.42 20.17
C SER A 223 10.14 2.40 20.79
N LYS A 224 11.43 2.26 20.43
CA LYS A 224 12.45 3.23 20.86
C LYS A 224 12.18 4.63 20.31
N GLY A 225 11.44 4.73 19.20
CA GLY A 225 11.10 6.02 18.60
C GLY A 225 12.27 6.68 17.88
N LYS A 226 13.16 5.88 17.30
CA LYS A 226 14.42 6.33 16.72
C LYS A 226 14.44 6.11 15.21
N CYS A 227 14.74 7.14 14.43
CA CYS A 227 14.93 7.01 13.00
C CYS A 227 16.26 6.33 12.72
N LEU A 228 16.23 5.14 12.12
CA LEU A 228 17.42 4.33 11.87
C LEU A 228 18.08 4.54 10.52
N LYS A 229 17.27 4.72 9.48
CA LYS A 229 17.78 4.95 8.12
C LYS A 229 16.94 6.02 7.43
N THR A 230 17.57 6.73 6.51
CA THR A 230 16.87 7.70 5.66
C THR A 230 17.22 7.37 4.20
N TYR A 231 16.20 7.26 3.34
CA TYR A 231 16.40 7.03 1.90
C TYR A 231 15.95 8.22 1.07
N THR A 232 16.83 8.72 0.22
CA THR A 232 16.50 9.87 -0.63
C THR A 232 17.05 9.72 -2.05
N GLY A 233 16.75 10.71 -2.89
CA GLY A 233 17.14 10.71 -4.30
C GLY A 233 15.95 10.68 -5.24
N HIS A 234 14.80 10.26 -4.71
CA HIS A 234 13.56 10.25 -5.48
C HIS A 234 12.80 11.56 -5.32
N LYS A 235 11.66 11.67 -5.98
CA LYS A 235 10.81 12.85 -5.91
C LYS A 235 9.45 12.46 -5.33
N ASN A 236 9.13 13.02 -4.17
CA ASN A 236 7.82 12.79 -3.56
C ASN A 236 7.40 13.99 -2.70
N GLU A 237 6.74 14.94 -3.34
CA GLU A 237 6.21 16.14 -2.68
C GLU A 237 4.69 16.32 -2.75
N LYS A 238 3.98 15.45 -3.48
CA LYS A 238 2.55 15.63 -3.67
C LYS A 238 1.69 14.38 -3.45
N TYR A 239 2.15 13.24 -3.96
CA TYR A 239 1.31 12.06 -4.03
C TYR A 239 1.61 11.07 -2.93
N CYS A 240 0.57 10.33 -2.53
CA CYS A 240 0.72 9.25 -1.58
C CYS A 240 1.22 8.01 -2.33
N ILE A 241 2.53 7.85 -2.36
CA ILE A 241 3.21 6.81 -3.09
C ILE A 241 3.58 5.70 -2.14
N PHE A 242 3.26 4.46 -2.56
CA PHE A 242 3.59 3.26 -1.79
C PHE A 242 5.08 2.99 -1.77
N ALA A 243 5.57 2.40 -0.69
CA ALA A 243 6.94 1.95 -0.57
C ALA A 243 6.94 0.52 -0.02
N ASN A 244 8.06 -0.16 -0.19
CA ASN A 244 8.14 -1.60 0.13
C ASN A 244 9.48 -2.00 0.67
N PHE A 245 9.47 -3.11 1.41
CA PHE A 245 10.64 -3.89 1.70
C PHE A 245 10.67 -5.06 0.72
N SER A 246 11.81 -5.24 0.04
CA SER A 246 12.01 -6.36 -0.86
C SER A 246 12.93 -7.36 -0.17
N VAL A 247 12.46 -8.59 0.04
CA VAL A 247 13.17 -9.56 0.88
C VAL A 247 13.42 -10.93 0.25
N THR A 248 13.03 -11.11 -1.00
CA THR A 248 13.17 -12.39 -1.66
C THR A 248 14.62 -12.64 -2.09
N GLY A 249 15.36 -11.58 -2.35
CA GLY A 249 16.78 -11.69 -2.73
C GLY A 249 17.60 -10.80 -1.84
N GLY A 250 18.24 -9.81 -2.44
CA GLY A 250 18.90 -8.78 -1.65
C GLY A 250 17.87 -7.97 -0.88
N LYS A 251 18.30 -7.35 0.21
CA LYS A 251 17.40 -6.62 1.09
C LYS A 251 17.30 -5.17 0.60
N TRP A 252 16.21 -4.86 -0.09
CA TRP A 252 16.02 -3.53 -0.70
C TRP A 252 14.84 -2.75 -0.12
N ILE A 253 14.83 -1.45 -0.40
CA ILE A 253 13.67 -0.59 -0.21
C ILE A 253 13.26 -0.21 -1.64
N VAL A 254 11.98 -0.35 -1.97
CA VAL A 254 11.47 -0.07 -3.29
C VAL A 254 10.42 1.02 -3.22
N SER A 255 10.48 2.04 -4.07
CA SER A 255 9.43 3.06 -4.08
C SER A 255 9.17 3.62 -5.46
N GLY A 256 7.93 4.03 -5.69
CA GLY A 256 7.61 4.91 -6.80
C GLY A 256 8.18 6.29 -6.55
N SER A 257 7.95 7.19 -7.50
CA SER A 257 8.55 8.50 -7.52
C SER A 257 7.80 9.37 -8.52
N GLU A 258 7.83 10.69 -8.29
CA GLU A 258 7.19 11.66 -9.13
C GLU A 258 7.98 12.07 -10.37
N ASP A 259 9.18 11.51 -10.52
CA ASP A 259 9.94 11.63 -11.78
C ASP A 259 9.71 10.42 -12.71
N ASN A 260 8.68 9.60 -12.47
CA ASN A 260 8.27 8.49 -13.36
C ASN A 260 9.14 7.23 -13.27
N LEU A 261 10.01 7.16 -12.27
CA LEU A 261 10.93 6.06 -12.08
C LEU A 261 10.56 5.25 -10.86
N VAL A 262 10.92 3.97 -10.90
CA VAL A 262 10.96 3.15 -9.70
C VAL A 262 12.36 3.24 -9.11
N TYR A 263 12.45 3.50 -7.80
CA TYR A 263 13.74 3.57 -7.10
C TYR A 263 13.90 2.33 -6.24
N ILE A 264 15.12 1.85 -6.20
CA ILE A 264 15.50 0.70 -5.36
C ILE A 264 16.78 1.09 -4.60
N TRP A 265 16.72 1.01 -3.26
CA TRP A 265 17.84 1.32 -2.37
C TRP A 265 18.32 0.06 -1.66
N ASN A 266 19.62 0.00 -1.38
CA ASN A 266 20.15 -0.97 -0.43
C ASN A 266 19.63 -0.55 0.93
N LEU A 267 18.99 -1.47 1.65
CA LEU A 267 18.34 -1.12 2.91
C LEU A 267 19.39 -0.64 3.95
N GLN A 268 20.48 -1.38 4.06
CA GLN A 268 21.55 -1.06 5.04
C GLN A 268 22.34 0.21 4.72
N THR A 269 22.85 0.30 3.50
CA THR A 269 23.75 1.39 3.13
C THR A 269 23.02 2.66 2.68
N LYS A 270 21.74 2.53 2.32
CA LYS A 270 20.90 3.65 1.84
C LYS A 270 21.26 4.20 0.44
N GLU A 271 22.10 3.46 -0.30
CA GLU A 271 22.52 3.87 -1.63
C GLU A 271 21.45 3.42 -2.61
N ILE A 272 21.22 4.24 -3.64
CA ILE A 272 20.37 3.84 -4.76
C ILE A 272 21.14 2.78 -5.53
N VAL A 273 20.51 1.63 -5.76
CA VAL A 273 21.10 0.52 -6.51
C VAL A 273 20.49 0.31 -7.88
N GLN A 274 19.23 0.71 -8.07
CA GLN A 274 18.65 0.74 -9.42
C GLN A 274 17.57 1.81 -9.52
N LYS A 275 17.43 2.36 -10.72
CA LYS A 275 16.29 3.18 -11.08
C LYS A 275 15.65 2.57 -12.32
N LEU A 276 14.36 2.22 -12.25
CA LEU A 276 13.69 1.58 -13.38
C LEU A 276 12.92 2.59 -14.23
N GLN A 277 13.32 2.71 -15.51
CA GLN A 277 12.73 3.64 -16.47
C GLN A 277 11.75 2.92 -17.38
N GLY A 278 10.66 3.61 -17.70
CA GLY A 278 9.65 3.08 -18.59
C GLY A 278 8.29 3.71 -18.48
N HIS A 279 7.89 4.09 -17.26
CA HIS A 279 6.61 4.75 -17.07
C HIS A 279 6.70 6.19 -17.59
N THR A 280 5.55 6.75 -17.91
CA THR A 280 5.45 8.10 -18.47
C THR A 280 4.69 9.08 -17.62
N ASP A 281 4.40 8.67 -16.39
CA ASP A 281 3.74 9.53 -15.40
C ASP A 281 4.18 9.01 -14.04
N VAL A 282 3.77 9.73 -13.00
CA VAL A 282 4.14 9.43 -11.63
C VAL A 282 3.89 7.96 -11.34
N VAL A 283 4.90 7.34 -10.77
CA VAL A 283 4.77 5.92 -10.33
C VAL A 283 4.18 5.95 -8.92
N ILE A 284 2.88 5.72 -8.83
CA ILE A 284 2.13 5.89 -7.59
C ILE A 284 2.23 4.64 -6.67
N SER A 285 2.48 3.50 -7.27
CA SER A 285 2.42 2.26 -6.51
C SER A 285 3.44 1.27 -6.98
N THR A 286 4.06 0.61 -6.03
CA THR A 286 4.93 -0.52 -6.30
C THR A 286 4.58 -1.60 -5.32
N ALA A 287 4.87 -2.84 -5.71
CA ALA A 287 4.68 -3.99 -4.84
C ALA A 287 5.75 -5.00 -5.14
N CYS A 288 6.08 -5.82 -4.13
CA CYS A 288 7.12 -6.83 -4.25
C CYS A 288 6.49 -8.21 -4.08
N HIS A 289 6.81 -9.11 -4.99
CA HIS A 289 6.24 -10.46 -5.01
C HIS A 289 6.70 -11.23 -3.76
N PRO A 290 5.81 -12.02 -3.15
CA PRO A 290 6.15 -12.66 -1.88
C PRO A 290 7.27 -13.70 -1.90
N THR A 291 7.53 -14.36 -3.04
CA THR A 291 8.60 -15.37 -3.11
C THR A 291 9.63 -15.24 -4.24
N GLU A 292 9.31 -14.49 -5.29
CA GLU A 292 10.20 -14.30 -6.44
C GLU A 292 10.63 -12.85 -6.46
N ASN A 293 11.76 -12.58 -7.12
CA ASN A 293 12.30 -11.23 -7.27
C ASN A 293 11.57 -10.56 -8.40
N ILE A 294 10.33 -10.18 -8.12
CA ILE A 294 9.45 -9.53 -9.07
C ILE A 294 8.85 -8.27 -8.42
N ILE A 295 8.90 -7.17 -9.16
CA ILE A 295 8.29 -5.89 -8.75
C ILE A 295 7.16 -5.57 -9.71
N ALA A 296 6.01 -5.16 -9.16
CA ALA A 296 4.98 -4.56 -9.95
C ALA A 296 4.96 -3.07 -9.68
N SER A 297 4.76 -2.29 -10.74
CA SER A 297 4.63 -0.81 -10.63
C SER A 297 3.44 -0.31 -11.42
N ALA A 298 2.89 0.83 -11.03
CA ALA A 298 1.75 1.40 -11.70
C ALA A 298 1.81 2.91 -11.66
N ALA A 299 1.22 3.52 -12.67
CA ALA A 299 1.32 4.95 -12.86
C ALA A 299 -0.01 5.68 -12.99
N LEU A 300 0.11 7.01 -12.91
CA LEU A 300 -1.05 7.90 -12.93
C LEU A 300 -1.62 8.15 -14.33
N GLU A 301 -2.55 9.11 -14.44
CA GLU A 301 -3.51 9.30 -15.55
C GLU A 301 -2.90 9.35 -16.94
N ASN A 302 -1.71 9.94 -17.05
CA ASN A 302 -1.09 10.13 -18.36
C ASN A 302 -0.45 8.87 -18.89
N ASP A 303 -0.29 7.85 -18.05
CA ASP A 303 0.34 6.56 -18.38
C ASP A 303 -0.75 5.48 -18.31
N LYS A 304 -1.30 5.25 -17.11
CA LYS A 304 -2.33 4.24 -16.84
C LYS A 304 -1.89 2.77 -16.93
N THR A 305 -0.62 2.51 -17.22
CA THR A 305 -0.13 1.11 -17.27
C THR A 305 0.49 0.61 -15.98
N ILE A 306 0.55 -0.72 -15.92
CA ILE A 306 1.18 -1.48 -14.84
C ILE A 306 2.36 -2.24 -15.45
N LYS A 307 3.51 -2.26 -14.78
CA LYS A 307 4.68 -2.96 -15.30
C LYS A 307 5.17 -4.05 -14.34
N LEU A 308 5.59 -5.18 -14.90
CA LEU A 308 6.17 -6.27 -14.11
C LEU A 308 7.63 -6.38 -14.48
N TRP A 309 8.50 -6.26 -13.48
CA TRP A 309 9.96 -6.27 -13.64
C TRP A 309 10.52 -7.47 -12.86
N LYS A 310 11.55 -8.12 -13.39
CA LYS A 310 12.15 -9.29 -12.76
C LYS A 310 13.67 -9.19 -12.70
N SER A 311 14.24 -9.68 -11.62
CA SER A 311 15.67 -9.66 -11.35
C SER A 311 16.15 -11.06 -11.01
N ASP A 312 17.44 -11.32 -11.21
CA ASP A 312 18.07 -12.57 -10.76
C ASP A 312 18.40 -12.60 -9.28
N CYS A 313 18.40 -11.43 -8.62
CA CYS A 313 18.65 -11.34 -7.18
C CYS A 313 17.91 -10.13 -6.58
S SO4 B . 1.80 -5.96 2.50
O1 SO4 B . 3.16 -6.02 1.92
O2 SO4 B . 1.16 -4.69 2.08
O3 SO4 B . 1.99 -6.15 3.95
O4 SO4 B . 1.00 -7.10 1.99
C1 GOL C . -11.36 -7.67 17.69
O1 GOL C . -10.17 -7.92 18.44
C2 GOL C . -11.67 -6.18 17.61
O2 GOL C . -12.61 -5.85 18.64
C3 GOL C . -10.44 -5.30 17.74
O3 GOL C . -10.82 -3.94 17.94
C1 GOL D . -6.51 -6.42 -21.15
O1 GOL D . -7.14 -7.31 -22.08
C2 GOL D . -7.45 -5.23 -20.89
O2 GOL D . -8.23 -4.95 -22.05
C3 GOL D . -8.34 -5.52 -19.69
O3 GOL D . -9.09 -4.36 -19.35
CAA NMM E . -2.96 4.05 0.28
NH2 NMM E . -3.34 4.39 -1.06
CZ NMM E . -2.64 5.13 -1.90
NH1 NMM E . -1.51 5.66 -1.55
NE NMM E . -3.18 5.29 -3.12
CD NMM E . -2.60 6.06 -4.19
CG NMM E . -3.13 7.47 -4.30
CB NMM E . -4.61 7.49 -4.63
CA NMM E . -5.16 8.92 -4.64
C NMM E . -4.58 9.70 -5.79
O NMM E . -3.57 10.38 -5.62
OXT NMM E . -5.06 9.64 -6.92
N NMM E . -6.66 8.86 -4.72
#